data_1RWO
#
_entry.id   1RWO
#
_cell.length_a   63.184
_cell.length_b   63.184
_cell.length_c   160.931
_cell.angle_alpha   90.00
_cell.angle_beta   90.00
_cell.angle_gamma   90.00
#
_symmetry.space_group_name_H-M   'P 43 21 2'
#
loop_
_entity.id
_entity.type
_entity.pdbx_description
1 polymer 'Interleukin-1 beta convertase'
2 polymer 'Interleukin-1 beta convertase'
3 non-polymer '4-OXO-3-{6-[4-(QUINOXALIN-2-YLAMINO)-BENZOYLAMINO]-2-THIOPHEN-2-YL-HEXANOYLAMINO}-PENTANOIC ACID'
4 water water
#
loop_
_entity_poly.entity_id
_entity_poly.type
_entity_poly.pdbx_seq_one_letter_code
_entity_poly.pdbx_strand_id
1 'polypeptide(L)'
;NPAMPTSSGSEGNVKLCSLEEAQRIWKQKSAEIYPIMDKSSRTRLALIICNEEFDSIPRRTGAEVDITGMTMLLQNLGYS
VDVKKNLTASDMTTELEAFAHRPEHKTSDSTFLVFMSHGIREGICGKKHSEQVPDILQLNAIFNMLNTKNCPSLKDKPKV
IIIQACRGDSPGVVWFKD
;
A
2 'polypeptide(L)'
;AIKKAHIEKDFIAFCSSTPDNVSWRHPTMGSVFIGRLIEHMQEYACSCDVEEIFRKVRFSFEQPDGRAQMPTTERVTLTR
CFYLFPGH
;
B
#
loop_
_chem_comp.id
_chem_comp.type
_chem_comp.name
_chem_comp.formula
BTH non-polymer '4-OXO-3-{6-[4-(QUINOXALIN-2-YLAMINO)-BENZOYLAMINO]-2-THIOPHEN-2-YL-HEXANOYLAMINO}-PENTANOIC ACID' 'C30 H31 N5 O5 S'
#
# COMPACT_ATOMS: atom_id res chain seq x y z
N THR A 6 -13.52 21.48 3.92
CA THR A 6 -12.44 21.90 4.87
C THR A 6 -11.52 20.73 5.24
N SER A 7 -10.27 21.06 5.56
CA SER A 7 -9.28 20.06 5.98
C SER A 7 -9.27 19.84 7.49
N SER A 8 -10.18 20.52 8.20
CA SER A 8 -10.30 20.42 9.65
C SER A 8 -10.94 19.12 10.11
N GLY A 9 -11.69 18.48 9.19
CA GLY A 9 -12.37 17.22 9.48
C GLY A 9 -11.44 16.02 9.54
N SER A 10 -12.03 14.86 9.82
CA SER A 10 -11.30 13.59 9.95
C SER A 10 -10.64 13.14 8.64
N GLU A 11 -11.22 13.54 7.52
CA GLU A 11 -10.73 13.16 6.20
C GLU A 11 -9.63 14.08 5.69
N GLY A 12 -9.37 15.16 6.42
CA GLY A 12 -8.28 16.08 6.10
C GLY A 12 -8.28 16.59 4.68
N ASN A 13 -7.17 16.35 3.98
CA ASN A 13 -6.98 16.82 2.61
C ASN A 13 -7.61 15.93 1.53
N VAL A 14 -8.15 14.77 1.94
CA VAL A 14 -8.80 13.85 1.01
C VAL A 14 -10.15 14.40 0.56
N LYS A 15 -10.31 14.57 -0.75
CA LYS A 15 -11.56 15.06 -1.33
C LYS A 15 -12.69 14.09 -1.05
N LEU A 16 -13.84 14.64 -0.63
CA LEU A 16 -14.98 13.83 -0.21
C LEU A 16 -15.81 13.34 -1.38
N CYS A 17 -16.38 12.15 -1.22
CA CYS A 17 -17.35 11.61 -2.17
C CYS A 17 -18.74 12.00 -1.70
N SER A 18 -19.44 12.78 -2.53
CA SER A 18 -20.80 13.23 -2.20
C SER A 18 -21.81 12.09 -2.30
N LEU A 19 -23.00 12.29 -1.73
CA LEU A 19 -24.08 11.30 -1.78
C LEU A 19 -24.54 11.02 -3.22
N GLU A 20 -24.50 12.04 -4.06
CA GLU A 20 -24.85 11.92 -5.47
C GLU A 20 -23.80 11.13 -6.24
N GLU A 21 -22.53 11.40 -5.95
CA GLU A 21 -21.41 10.71 -6.57
C GLU A 21 -21.35 9.24 -6.14
N ALA A 22 -21.65 8.99 -4.86
CA ALA A 22 -21.67 7.64 -4.30
C ALA A 22 -22.77 6.78 -4.91
N GLN A 23 -23.89 7.41 -5.24
CA GLN A 23 -25.01 6.72 -5.90
C GLN A 23 -24.75 6.53 -7.40
N ARG A 24 -24.03 7.49 -8.00
CA ARG A 24 -23.65 7.42 -9.40
C ARG A 24 -22.70 6.24 -9.66
N ILE A 25 -21.73 6.06 -8.75
CA ILE A 25 -20.79 4.94 -8.81
C ILE A 25 -21.53 3.61 -8.59
N TRP A 26 -22.47 3.61 -7.64
CA TRP A 26 -23.29 2.44 -7.32
C TRP A 26 -24.28 2.10 -8.44
N LYS A 27 -24.43 3.00 -9.41
CA LYS A 27 -25.33 2.81 -10.55
C LYS A 27 -24.58 2.48 -11.84
N GLN A 28 -23.45 3.15 -12.05
CA GLN A 28 -22.63 2.95 -13.24
C GLN A 28 -22.07 1.53 -13.31
N LYS A 29 -21.64 1.01 -12.16
CA LYS A 29 -21.22 -0.37 -12.01
C LYS A 29 -22.26 -1.15 -11.21
N SER A 30 -22.53 -2.38 -11.63
CA SER A 30 -23.54 -3.23 -10.99
C SER A 30 -23.00 -3.84 -9.69
N ALA A 31 -23.20 -5.15 -9.52
CA ALA A 31 -22.69 -5.87 -8.36
C ALA A 31 -21.19 -6.18 -8.53
N GLU A 32 -20.42 -5.17 -8.92
CA GLU A 32 -19.00 -5.32 -9.18
C GLU A 32 -18.17 -4.32 -8.35
N ILE A 33 -18.70 -3.95 -7.19
CA ILE A 33 -18.00 -3.09 -6.23
C ILE A 33 -17.91 -3.80 -4.88
N TYR A 34 -16.79 -3.64 -4.18
CA TYR A 34 -16.62 -4.20 -2.85
C TYR A 34 -17.56 -3.51 -1.86
N PRO A 35 -18.31 -4.30 -1.09
CA PRO A 35 -19.22 -3.76 -0.07
C PRO A 35 -18.47 -3.00 1.03
N ILE A 36 -19.00 -1.85 1.39
CA ILE A 36 -18.46 -1.04 2.47
C ILE A 36 -19.33 -1.18 3.72
N MET A 37 -18.69 -1.41 4.85
CA MET A 37 -19.38 -1.57 6.12
C MET A 37 -19.81 -0.22 6.68
N ASP A 38 -20.85 -0.24 7.50
CA ASP A 38 -21.37 0.98 8.14
C ASP A 38 -20.29 1.67 8.96
N LYS A 39 -20.18 2.98 8.76
CA LYS A 39 -19.13 3.79 9.38
C LYS A 39 -19.15 3.77 10.91
N SER A 40 -20.35 3.68 11.48
CA SER A 40 -20.52 3.73 12.93
C SER A 40 -19.99 2.50 13.67
N SER A 41 -19.94 1.36 12.98
CA SER A 41 -19.59 0.10 13.62
C SER A 41 -18.31 -0.55 13.11
N ARG A 42 -17.83 -0.13 11.94
CA ARG A 42 -16.67 -0.77 11.32
C ARG A 42 -15.35 -0.43 12.02
N THR A 43 -14.44 -1.40 12.06
CA THR A 43 -13.14 -1.24 12.71
C THR A 43 -12.01 -1.49 11.72
N ARG A 44 -11.81 -0.52 10.82
CA ARG A 44 -10.77 -0.60 9.80
C ARG A 44 -9.37 -0.51 10.39
N LEU A 45 -8.49 -1.39 9.94
CA LEU A 45 -7.10 -1.42 10.40
C LEU A 45 -6.13 -1.27 9.25
N ALA A 46 -5.02 -0.60 9.50
CA ALA A 46 -3.91 -0.51 8.56
C ALA A 46 -2.57 -0.64 9.29
N LEU A 47 -1.57 -1.15 8.59
CA LEU A 47 -0.24 -1.32 9.16
C LEU A 47 0.84 -0.69 8.29
N ILE A 48 1.68 0.15 8.91
CA ILE A 48 2.85 0.69 8.25
C ILE A 48 4.10 0.16 8.94
N ILE A 49 4.95 -0.52 8.17
CA ILE A 49 6.28 -0.88 8.62
C ILE A 49 7.27 -0.03 7.83
N CYS A 50 8.06 0.76 8.55
CA CYS A 50 9.05 1.63 7.92
C CYS A 50 10.42 1.46 8.57
N ASN A 51 11.40 1.07 7.77
CA ASN A 51 12.77 0.96 8.24
C ASN A 51 13.59 2.16 7.76
N GLU A 52 14.18 2.87 8.72
CA GLU A 52 14.95 4.08 8.43
C GLU A 52 16.40 3.95 8.92
N GLU A 53 16.56 3.40 10.12
CA GLU A 53 17.88 3.18 10.71
C GLU A 53 18.32 1.74 10.48
N PHE A 54 19.49 1.59 9.86
CA PHE A 54 20.01 0.27 9.49
C PHE A 54 21.39 0.03 10.08
N ASP A 55 21.73 -1.25 10.26
CA ASP A 55 23.03 -1.65 10.81
C ASP A 55 24.18 -1.42 9.83
N SER A 56 23.94 -1.72 8.55
CA SER A 56 25.01 -1.74 7.56
C SER A 56 24.74 -0.95 6.28
N ILE A 57 23.48 -0.59 6.05
CA ILE A 57 23.10 0.21 4.88
C ILE A 57 22.73 1.64 5.27
N PRO A 58 22.90 2.59 4.34
CA PRO A 58 22.66 4.02 4.62
C PRO A 58 21.30 4.34 5.24
N ARG A 59 21.26 5.39 6.05
CA ARG A 59 20.04 5.86 6.69
C ARG A 59 19.06 6.41 5.67
N ARG A 60 17.78 6.08 5.83
CA ARG A 60 16.75 6.51 4.90
C ARG A 60 16.18 7.87 5.33
N THR A 61 17.01 8.90 5.21
CA THR A 61 16.62 10.27 5.54
C THR A 61 15.42 10.70 4.71
N GLY A 62 14.41 11.23 5.37
CA GLY A 62 13.17 11.64 4.71
C GLY A 62 12.02 10.67 4.94
N ALA A 63 12.32 9.51 5.53
CA ALA A 63 11.30 8.48 5.81
C ALA A 63 10.18 9.00 6.72
N GLU A 64 10.53 9.93 7.61
CA GLU A 64 9.56 10.55 8.51
C GLU A 64 8.44 11.27 7.76
N VAL A 65 8.80 11.90 6.64
CA VAL A 65 7.83 12.56 5.78
C VAL A 65 6.85 11.54 5.20
N ASP A 66 7.37 10.38 4.80
CA ASP A 66 6.55 9.28 4.28
C ASP A 66 5.65 8.69 5.35
N ILE A 67 6.21 8.48 6.55
CA ILE A 67 5.44 7.96 7.68
C ILE A 67 4.27 8.89 8.00
N THR A 68 4.57 10.18 8.15
CA THR A 68 3.55 11.20 8.43
C THR A 68 2.48 11.21 7.34
N GLY A 69 2.92 11.32 6.09
CA GLY A 69 2.01 11.38 4.95
C GLY A 69 1.07 10.20 4.86
N MET A 70 1.64 8.99 4.92
CA MET A 70 0.85 7.76 4.81
C MET A 70 -0.06 7.53 6.00
N THR A 71 0.44 7.81 7.21
CA THR A 71 -0.36 7.65 8.43
C THR A 71 -1.59 8.54 8.40
N MET A 72 -1.40 9.82 8.10
CA MET A 72 -2.50 10.77 8.03
C MET A 72 -3.49 10.39 6.93
N LEU A 73 -2.97 9.96 5.77
CA LEU A 73 -3.82 9.56 4.64
C LEU A 73 -4.73 8.39 4.99
N LEU A 74 -4.16 7.34 5.56
CA LEU A 74 -4.93 6.13 5.89
C LEU A 74 -5.95 6.40 7.00
N GLN A 75 -5.60 7.30 7.92
CA GLN A 75 -6.53 7.77 8.95
C GLN A 75 -7.67 8.56 8.32
N ASN A 76 -7.33 9.42 7.36
CA ASN A 76 -8.32 10.18 6.59
C ASN A 76 -9.32 9.27 5.88
N LEU A 77 -8.83 8.12 5.42
CA LEU A 77 -9.65 7.15 4.71
C LEU A 77 -10.42 6.21 5.66
N GLY A 78 -10.22 6.39 6.96
CA GLY A 78 -10.99 5.71 7.98
C GLY A 78 -10.33 4.50 8.64
N TYR A 79 -9.02 4.38 8.48
CA TYR A 79 -8.27 3.25 9.04
C TYR A 79 -7.53 3.62 10.31
N SER A 80 -7.53 2.71 11.28
CA SER A 80 -6.69 2.83 12.47
C SER A 80 -5.30 2.31 12.13
N VAL A 81 -4.31 3.19 12.25
CA VAL A 81 -2.97 2.91 11.72
C VAL A 81 -1.97 2.51 12.80
N ASP A 82 -1.43 1.30 12.65
CA ASP A 82 -0.31 0.83 13.45
C ASP A 82 0.99 1.15 12.73
N VAL A 83 1.90 1.83 13.42
CA VAL A 83 3.21 2.18 12.84
C VAL A 83 4.33 1.46 13.58
N LYS A 84 5.05 0.60 12.85
CA LYS A 84 6.19 -0.13 13.39
C LYS A 84 7.46 0.25 12.64
N LYS A 85 8.55 0.44 13.38
CA LYS A 85 9.78 0.98 12.81
C LYS A 85 11.01 0.12 13.09
N ASN A 86 11.93 0.12 12.13
CA ASN A 86 13.25 -0.49 12.25
C ASN A 86 13.21 -1.95 12.73
N LEU A 87 12.66 -2.81 11.88
CA LEU A 87 12.47 -4.22 12.19
C LEU A 87 13.31 -5.09 11.27
N THR A 88 13.76 -6.23 11.81
CA THR A 88 14.35 -7.29 10.99
C THR A 88 13.22 -7.97 10.21
N ALA A 89 13.58 -8.78 9.23
CA ALA A 89 12.60 -9.55 8.46
C ALA A 89 11.79 -10.49 9.35
N SER A 90 12.46 -11.06 10.35
CA SER A 90 11.83 -11.90 11.36
C SER A 90 10.82 -11.11 12.20
N ASP A 91 11.19 -9.89 12.57
CA ASP A 91 10.29 -9.00 13.31
C ASP A 91 9.09 -8.60 12.45
N MET A 92 9.34 -8.36 11.17
CA MET A 92 8.29 -7.99 10.21
C MET A 92 7.29 -9.14 10.07
N THR A 93 7.80 -10.35 9.94
CA THR A 93 6.99 -11.56 9.89
C THR A 93 6.11 -11.71 11.14
N THR A 94 6.72 -11.54 12.32
CA THR A 94 6.01 -11.64 13.59
C THR A 94 4.91 -10.56 13.72
N GLU A 95 5.23 -9.36 13.26
CA GLU A 95 4.28 -8.25 13.28
C GLU A 95 3.13 -8.46 12.30
N LEU A 96 3.45 -9.07 11.15
CA LEU A 96 2.46 -9.37 10.11
C LEU A 96 1.48 -10.44 10.59
N GLU A 97 2.01 -11.47 11.24
CA GLU A 97 1.20 -12.53 11.83
C GLU A 97 0.27 -11.99 12.91
N ALA A 98 0.81 -11.13 13.77
CA ALA A 98 0.04 -10.45 14.81
C ALA A 98 -1.08 -9.60 14.19
N PHE A 99 -0.76 -8.92 13.09
CA PHE A 99 -1.74 -8.10 12.37
C PHE A 99 -2.86 -8.95 11.78
N ALA A 100 -2.49 -10.09 11.21
CA ALA A 100 -3.45 -11.04 10.63
C ALA A 100 -4.39 -11.65 11.68
N HIS A 101 -3.96 -11.62 12.94
CA HIS A 101 -4.75 -12.18 14.05
C HIS A 101 -5.62 -11.16 14.76
N ARG A 102 -5.54 -9.89 14.36
CA ARG A 102 -6.32 -8.83 14.99
C ARG A 102 -7.82 -9.04 14.81
N PRO A 103 -8.58 -9.02 15.91
CA PRO A 103 -10.02 -9.27 15.87
C PRO A 103 -10.81 -8.23 15.07
N GLU A 104 -10.26 -7.02 14.94
CA GLU A 104 -10.94 -5.91 14.25
C GLU A 104 -11.19 -6.17 12.76
N HIS A 105 -10.38 -7.05 12.15
CA HIS A 105 -10.56 -7.42 10.74
C HIS A 105 -11.94 -8.04 10.47
N LYS A 106 -12.48 -8.73 11.48
CA LYS A 106 -13.81 -9.34 11.42
C LYS A 106 -14.90 -8.31 11.17
N THR A 107 -14.77 -7.14 11.79
CA THR A 107 -15.70 -6.03 11.62
C THR A 107 -15.09 -4.93 10.75
N SER A 108 -14.21 -5.33 9.84
CA SER A 108 -13.64 -4.42 8.85
C SER A 108 -14.00 -4.90 7.45
N ASP A 109 -13.91 -4.01 6.47
CA ASP A 109 -14.28 -4.33 5.09
C ASP A 109 -13.07 -4.38 4.17
N SER A 110 -11.90 -4.04 4.71
CA SER A 110 -10.66 -3.90 3.92
C SER A 110 -9.46 -3.63 4.82
N THR A 111 -8.26 -3.69 4.24
CA THR A 111 -7.04 -3.30 4.94
C THR A 111 -5.98 -2.71 4.00
N PHE A 112 -5.07 -1.94 4.58
CA PHE A 112 -3.90 -1.42 3.88
C PHE A 112 -2.63 -1.85 4.60
N LEU A 113 -1.65 -2.33 3.84
CA LEU A 113 -0.34 -2.67 4.36
C LEU A 113 0.70 -1.83 3.64
N VAL A 114 1.50 -1.08 4.39
CA VAL A 114 2.53 -0.23 3.80
C VAL A 114 3.93 -0.62 4.28
N PHE A 115 4.81 -0.91 3.33
CA PHE A 115 6.20 -1.28 3.62
C PHE A 115 7.13 -0.25 3.00
N MET A 116 8.03 0.29 3.81
CA MET A 116 8.98 1.30 3.35
C MET A 116 10.37 1.00 3.88
N SER A 117 11.29 0.72 2.98
CA SER A 117 12.65 0.32 3.35
C SER A 117 13.57 0.32 2.15
N HIS A 118 14.82 -0.04 2.38
CA HIS A 118 15.72 -0.42 1.30
C HIS A 118 15.21 -1.75 0.74
N GLY A 119 15.50 -1.99 -0.52
CA GLY A 119 15.09 -3.23 -1.15
C GLY A 119 16.07 -3.72 -2.18
N ILE A 120 16.04 -5.03 -2.43
CA ILE A 120 16.79 -5.66 -3.51
C ILE A 120 15.81 -6.43 -4.38
N ARG A 121 16.32 -7.08 -5.43
CA ARG A 121 15.48 -7.87 -6.35
C ARG A 121 14.62 -8.90 -5.63
N GLU A 122 15.21 -9.54 -4.61
CA GLU A 122 14.55 -10.62 -3.87
C GLU A 122 13.45 -10.12 -2.92
N GLY A 123 13.57 -8.89 -2.45
CA GLY A 123 12.55 -8.31 -1.58
C GLY A 123 12.98 -7.12 -0.74
N ILE A 124 12.32 -6.99 0.41
CA ILE A 124 12.46 -5.82 1.29
C ILE A 124 13.50 -6.08 2.40
N CYS A 125 14.37 -5.10 2.63
CA CYS A 125 15.44 -5.21 3.61
C CYS A 125 15.01 -4.95 5.05
N GLY A 126 15.38 -5.86 5.95
CA GLY A 126 15.25 -5.64 7.38
C GLY A 126 16.40 -4.77 7.89
N LYS A 127 16.32 -4.37 9.16
CA LYS A 127 17.29 -3.45 9.75
C LYS A 127 18.73 -3.98 9.78
N LYS A 128 18.87 -5.30 9.81
CA LYS A 128 20.17 -5.96 9.95
C LYS A 128 20.79 -6.37 8.62
N HIS A 129 20.15 -6.01 7.50
CA HIS A 129 20.56 -6.49 6.19
C HIS A 129 21.98 -6.07 5.78
N SER A 130 22.70 -7.03 5.20
CA SER A 130 23.96 -6.79 4.51
C SER A 130 24.14 -7.88 3.46
N GLU A 131 25.09 -7.68 2.54
CA GLU A 131 25.40 -8.68 1.52
C GLU A 131 25.90 -9.99 2.11
N GLN A 132 26.71 -9.88 3.17
CA GLN A 132 27.25 -11.03 3.88
C GLN A 132 26.15 -11.86 4.53
N VAL A 133 25.29 -11.19 5.30
CA VAL A 133 24.15 -11.83 5.95
C VAL A 133 22.84 -11.13 5.55
N PRO A 134 22.17 -11.64 4.51
CA PRO A 134 20.91 -11.06 4.03
C PRO A 134 19.77 -11.13 5.04
N ASP A 135 19.04 -10.02 5.17
CA ASP A 135 17.87 -9.93 6.03
C ASP A 135 16.70 -9.41 5.18
N ILE A 136 16.04 -10.33 4.49
CA ILE A 136 15.06 -9.99 3.46
C ILE A 136 13.68 -10.57 3.75
N LEU A 137 12.66 -9.75 3.59
CA LEU A 137 11.28 -10.21 3.57
C LEU A 137 10.75 -10.20 2.14
N GLN A 138 10.33 -11.37 1.67
CA GLN A 138 9.80 -11.52 0.31
C GLN A 138 8.35 -11.05 0.23
N LEU A 139 7.97 -10.50 -0.92
CA LEU A 139 6.60 -10.10 -1.17
C LEU A 139 5.65 -11.29 -1.09
N ASN A 140 6.10 -12.45 -1.59
CA ASN A 140 5.36 -13.69 -1.51
C ASN A 140 4.91 -14.03 -0.10
N ALA A 141 5.79 -13.78 0.87
CA ALA A 141 5.51 -14.03 2.29
C ALA A 141 4.42 -13.11 2.85
N ILE A 142 4.43 -11.84 2.43
CA ILE A 142 3.38 -10.89 2.84
C ILE A 142 2.00 -11.38 2.37
N PHE A 143 1.91 -11.81 1.12
CA PHE A 143 0.68 -12.36 0.55
C PHE A 143 0.21 -13.58 1.33
N ASN A 144 1.13 -14.54 1.53
CA ASN A 144 0.84 -15.76 2.26
C ASN A 144 0.30 -15.50 3.66
N MET A 145 0.90 -14.55 4.36
CA MET A 145 0.50 -14.21 5.72
C MET A 145 -0.87 -13.53 5.81
N LEU A 146 -1.31 -12.97 4.69
CA LEU A 146 -2.58 -12.23 4.65
C LEU A 146 -3.68 -12.92 3.85
N ASN A 147 -3.38 -14.10 3.31
CA ASN A 147 -4.37 -14.83 2.50
C ASN A 147 -5.48 -15.48 3.34
N THR A 148 -6.38 -16.21 2.69
CA THR A 148 -7.53 -16.80 3.38
C THR A 148 -7.16 -17.87 4.42
N LYS A 149 -6.06 -18.58 4.16
CA LYS A 149 -5.56 -19.62 5.07
C LYS A 149 -5.02 -19.03 6.37
N ASN A 150 -4.20 -17.98 6.25
CA ASN A 150 -3.51 -17.40 7.40
C ASN A 150 -4.20 -16.16 7.98
N CYS A 151 -5.16 -15.62 7.23
CA CYS A 151 -5.97 -14.50 7.71
C CYS A 151 -7.41 -14.65 7.21
N PRO A 152 -8.15 -15.61 7.79
CA PRO A 152 -9.54 -15.87 7.37
C PRO A 152 -10.50 -14.70 7.59
N SER A 153 -10.16 -13.79 8.50
CA SER A 153 -11.00 -12.64 8.82
C SER A 153 -11.11 -11.63 7.67
N LEU A 154 -10.12 -11.64 6.77
CA LEU A 154 -10.10 -10.73 5.63
C LEU A 154 -10.50 -11.41 4.31
N LYS A 155 -11.12 -12.58 4.44
CA LYS A 155 -11.72 -13.28 3.30
C LYS A 155 -12.72 -12.36 2.60
N ASP A 156 -12.64 -12.31 1.27
CA ASP A 156 -13.52 -11.50 0.42
C ASP A 156 -13.31 -9.98 0.53
N LYS A 157 -12.30 -9.57 1.30
CA LYS A 157 -12.05 -8.16 1.57
C LYS A 157 -10.76 -7.67 0.91
N PRO A 158 -10.81 -6.52 0.26
CA PRO A 158 -9.62 -5.95 -0.41
C PRO A 158 -8.45 -5.73 0.55
N LYS A 159 -7.30 -6.26 0.17
CA LYS A 159 -6.06 -6.11 0.93
C LYS A 159 -5.05 -5.40 0.03
N VAL A 160 -4.77 -4.14 0.35
CA VAL A 160 -3.92 -3.31 -0.47
C VAL A 160 -2.52 -3.25 0.12
N ILE A 161 -1.54 -3.70 -0.65
CA ILE A 161 -0.14 -3.67 -0.21
C ILE A 161 0.65 -2.63 -1.01
N ILE A 162 1.30 -1.72 -0.28
CA ILE A 162 2.12 -0.67 -0.89
C ILE A 162 3.56 -0.85 -0.44
N ILE A 163 4.48 -0.93 -1.40
CA ILE A 163 5.90 -1.07 -1.09
C ILE A 163 6.73 0.03 -1.73
N GLN A 164 7.36 0.84 -0.89
CA GLN A 164 8.38 1.80 -1.32
C GLN A 164 9.74 1.18 -1.03
N ALA A 165 10.45 0.81 -2.10
CA ALA A 165 11.76 0.17 -2.02
C ALA A 165 12.33 0.00 -3.42
N CYS A 166 13.67 0.00 -3.53
CA CYS A 166 14.34 -0.42 -4.76
C CYS A 166 14.07 -1.91 -4.97
N ARG A 167 14.14 -2.34 -6.23
CA ARG A 167 13.99 -3.75 -6.58
C ARG A 167 15.22 -4.23 -7.33
N GLY A 168 16.34 -3.54 -7.12
CA GLY A 168 17.58 -3.81 -7.81
C GLY A 168 18.42 -2.54 -7.93
N ASP A 169 19.54 -2.64 -8.64
CA ASP A 169 20.50 -1.54 -8.75
C ASP A 169 20.38 -0.72 -10.03
N SER A 170 19.59 -1.21 -10.99
CA SER A 170 19.52 -0.61 -12.31
C SER A 170 18.70 0.69 -12.34
N PRO A 171 19.07 1.63 -13.22
CA PRO A 171 18.42 2.95 -13.28
C PRO A 171 17.01 2.92 -13.90
N GLY A 172 16.65 1.81 -14.53
CA GLY A 172 15.32 1.65 -15.11
C GLY A 172 15.09 2.39 -16.41
N VAL A 173 16.19 2.72 -17.10
CA VAL A 173 16.11 3.50 -18.34
C VAL A 173 16.94 2.92 -19.48
N VAL A 174 16.51 3.25 -20.71
CA VAL A 174 17.26 2.95 -21.92
C VAL A 174 17.19 4.19 -22.81
N TRP A 175 18.17 4.35 -23.69
CA TRP A 175 18.21 5.51 -24.57
C TRP A 175 17.55 5.21 -25.92
N PHE A 176 16.94 6.23 -26.50
CA PHE A 176 16.44 6.18 -27.88
C PHE A 176 16.65 7.54 -28.53
N LYS A 177 16.83 7.55 -29.85
CA LYS A 177 17.00 8.80 -30.57
C LYS A 177 15.69 9.30 -31.18
N ASP A 178 15.43 10.59 -31.00
CA ASP A 178 14.21 11.22 -31.51
C ASP A 178 14.48 11.98 -32.81
N ALA B 1 -22.33 -26.66 7.83
CA ALA B 1 -21.47 -27.35 6.83
C ALA B 1 -20.26 -26.50 6.45
N ILE B 2 -19.28 -27.12 5.79
CA ILE B 2 -18.09 -26.40 5.33
C ILE B 2 -18.19 -26.06 3.84
N LYS B 3 -17.55 -24.95 3.46
CA LYS B 3 -17.54 -24.48 2.08
C LYS B 3 -16.13 -24.11 1.64
N LYS B 4 -15.87 -24.23 0.35
CA LYS B 4 -14.57 -23.88 -0.22
C LYS B 4 -14.46 -22.39 -0.50
N ALA B 5 -13.29 -21.83 -0.19
CA ALA B 5 -12.97 -20.46 -0.54
C ALA B 5 -11.61 -20.42 -1.22
N HIS B 6 -11.43 -19.47 -2.14
CA HIS B 6 -10.13 -19.26 -2.78
C HIS B 6 -9.11 -18.91 -1.71
N ILE B 7 -7.96 -19.57 -1.72
CA ILE B 7 -6.89 -19.33 -0.76
C ILE B 7 -6.31 -17.92 -0.91
N GLU B 8 -6.27 -17.43 -2.14
CA GLU B 8 -5.74 -16.10 -2.44
C GLU B 8 -6.68 -15.34 -3.35
N LYS B 9 -7.26 -14.26 -2.82
CA LYS B 9 -8.23 -13.43 -3.53
C LYS B 9 -8.30 -12.05 -2.89
N ASP B 10 -8.71 -11.06 -3.69
CA ASP B 10 -8.95 -9.68 -3.25
C ASP B 10 -7.68 -8.96 -2.79
N PHE B 11 -6.57 -9.27 -3.45
CA PHE B 11 -5.29 -8.63 -3.18
C PHE B 11 -4.98 -7.61 -4.27
N ILE B 12 -4.29 -6.54 -3.90
CA ILE B 12 -3.56 -5.71 -4.86
C ILE B 12 -2.29 -5.16 -4.21
N ALA B 13 -1.17 -5.34 -4.89
CA ALA B 13 0.09 -4.74 -4.45
C ALA B 13 0.52 -3.66 -5.43
N PHE B 14 1.08 -2.59 -4.89
CA PHE B 14 1.56 -1.45 -5.69
C PHE B 14 2.99 -1.12 -5.28
N CYS B 15 3.94 -1.43 -6.15
CA CYS B 15 5.36 -1.21 -5.90
C CYS B 15 5.87 0.08 -6.52
N SER B 16 6.92 0.63 -5.92
CA SER B 16 7.47 1.94 -6.31
C SER B 16 8.23 1.95 -7.66
N SER B 17 8.70 0.78 -8.10
CA SER B 17 9.40 0.67 -9.38
C SER B 17 9.15 -0.70 -10.02
N THR B 18 9.67 -0.87 -11.23
CA THR B 18 9.67 -2.16 -11.92
C THR B 18 10.78 -3.05 -11.36
N PRO B 19 10.66 -4.37 -11.49
CA PRO B 19 11.71 -5.29 -11.03
C PRO B 19 13.08 -4.93 -11.61
N ASP B 20 14.13 -5.12 -10.80
CA ASP B 20 15.53 -4.80 -11.16
C ASP B 20 15.91 -3.33 -10.93
N ASN B 21 14.91 -2.48 -10.69
CA ASN B 21 15.11 -1.04 -10.78
C ASN B 21 14.95 -0.25 -9.48
N VAL B 22 15.68 0.86 -9.42
CA VAL B 22 15.72 1.70 -8.22
C VAL B 22 14.44 2.52 -8.02
N SER B 23 14.22 2.93 -6.78
CA SER B 23 13.16 3.88 -6.43
C SER B 23 13.77 5.04 -5.66
N TRP B 24 13.30 6.25 -5.95
CA TRP B 24 13.96 7.46 -5.45
C TRP B 24 13.35 8.03 -4.17
N ARG B 25 14.20 8.71 -3.39
CA ARG B 25 13.81 9.34 -2.14
C ARG B 25 14.64 10.61 -1.90
N HIS B 26 13.98 11.66 -1.43
CA HIS B 26 14.61 12.93 -1.11
C HIS B 26 14.76 13.07 0.41
N PRO B 27 15.91 13.56 0.87
CA PRO B 27 16.20 13.69 2.32
C PRO B 27 15.20 14.52 3.11
N THR B 28 14.54 15.49 2.48
CA THR B 28 13.58 16.35 3.19
C THR B 28 12.16 16.25 2.62
N MET B 29 12.05 15.84 1.35
CA MET B 29 10.75 15.75 0.69
C MET B 29 10.12 14.36 0.76
N GLY B 30 10.93 13.36 1.09
CA GLY B 30 10.47 11.99 1.22
C GLY B 30 10.60 11.20 -0.07
N SER B 31 9.85 10.10 -0.17
CA SER B 31 9.85 9.25 -1.35
C SER B 31 8.83 9.74 -2.36
N VAL B 32 9.29 9.94 -3.60
CA VAL B 32 8.44 10.47 -4.67
C VAL B 32 7.19 9.62 -4.93
N PHE B 33 7.35 8.30 -4.93
CA PHE B 33 6.24 7.37 -5.11
C PHE B 33 5.19 7.55 -4.01
N ILE B 34 5.65 7.68 -2.77
CA ILE B 34 4.78 7.87 -1.61
C ILE B 34 4.04 9.21 -1.69
N GLY B 35 4.79 10.28 -1.95
CA GLY B 35 4.22 11.61 -2.11
C GLY B 35 3.20 11.68 -3.24
N ARG B 36 3.54 11.04 -4.36
CA ARG B 36 2.67 10.98 -5.52
C ARG B 36 1.40 10.17 -5.25
N LEU B 37 1.55 9.07 -4.51
CA LEU B 37 0.41 8.21 -4.16
C LEU B 37 -0.59 8.95 -3.26
N ILE B 38 -0.08 9.64 -2.24
CA ILE B 38 -0.94 10.42 -1.34
C ILE B 38 -1.72 11.48 -2.11
N GLU B 39 -1.02 12.27 -2.93
CA GLU B 39 -1.65 13.32 -3.73
C GLU B 39 -2.78 12.79 -4.62
N HIS B 40 -2.54 11.66 -5.28
CA HIS B 40 -3.53 11.04 -6.15
C HIS B 40 -4.71 10.44 -5.36
N MET B 41 -4.41 9.85 -4.22
CA MET B 41 -5.44 9.31 -3.34
C MET B 41 -6.34 10.44 -2.82
N GLN B 42 -5.72 11.53 -2.38
CA GLN B 42 -6.46 12.70 -1.90
C GLN B 42 -7.39 13.25 -2.99
N GLU B 43 -6.88 13.30 -4.22
CA GLU B 43 -7.63 13.82 -5.35
C GLU B 43 -8.69 12.86 -5.91
N TYR B 44 -8.34 11.58 -6.03
CA TYR B 44 -9.15 10.64 -6.82
C TYR B 44 -9.91 9.55 -6.06
N ALA B 45 -9.69 9.44 -4.75
CA ALA B 45 -10.40 8.44 -3.94
C ALA B 45 -11.92 8.61 -4.01
N CYS B 46 -12.36 9.86 -4.15
CA CYS B 46 -13.78 10.18 -4.22
C CYS B 46 -14.47 9.67 -5.49
N SER B 47 -13.70 9.52 -6.57
CA SER B 47 -14.27 9.24 -7.88
C SER B 47 -13.77 7.97 -8.56
N CYS B 48 -12.56 7.53 -8.22
CA CYS B 48 -11.93 6.38 -8.88
C CYS B 48 -11.68 5.23 -7.92
N ASP B 49 -11.78 4.00 -8.43
CA ASP B 49 -11.40 2.82 -7.65
C ASP B 49 -9.87 2.75 -7.53
N VAL B 50 -9.38 2.04 -6.52
CA VAL B 50 -7.95 2.07 -6.18
C VAL B 50 -7.05 1.64 -7.35
N GLU B 51 -7.53 0.69 -8.16
CA GLU B 51 -6.78 0.25 -9.34
C GLU B 51 -6.62 1.37 -10.36
N GLU B 52 -7.68 2.15 -10.58
CA GLU B 52 -7.63 3.31 -11.46
C GLU B 52 -6.69 4.38 -10.93
N ILE B 53 -6.69 4.57 -9.61
CA ILE B 53 -5.82 5.53 -8.95
C ILE B 53 -4.35 5.14 -9.14
N PHE B 54 -4.06 3.86 -8.97
CA PHE B 54 -2.71 3.32 -9.15
C PHE B 54 -2.20 3.52 -10.58
N ARG B 55 -3.08 3.35 -11.55
CA ARG B 55 -2.76 3.63 -12.94
C ARG B 55 -2.43 5.10 -13.17
N LYS B 56 -3.22 5.98 -12.53
CA LYS B 56 -2.99 7.42 -12.61
C LYS B 56 -1.62 7.81 -12.05
N VAL B 57 -1.25 7.22 -10.90
CA VAL B 57 0.08 7.42 -10.31
C VAL B 57 1.16 7.00 -11.31
N ARG B 58 0.99 5.84 -11.93
CA ARG B 58 1.87 5.34 -12.98
C ARG B 58 2.02 6.35 -14.10
N PHE B 59 0.89 6.86 -14.59
CA PHE B 59 0.85 7.84 -15.67
C PHE B 59 1.67 9.10 -15.35
N SER B 60 1.64 9.54 -14.09
CA SER B 60 2.39 10.73 -13.67
C SER B 60 3.91 10.54 -13.77
N PHE B 61 4.35 9.28 -13.79
CA PHE B 61 5.76 8.95 -13.93
C PHE B 61 6.17 8.68 -15.40
N GLU B 62 5.19 8.73 -16.30
CA GLU B 62 5.39 8.32 -17.70
C GLU B 62 6.59 8.97 -18.39
N GLN B 63 6.69 10.29 -18.29
CA GLN B 63 7.82 11.02 -18.86
C GLN B 63 9.02 10.91 -17.91
N PRO B 64 10.08 10.25 -18.37
CA PRO B 64 11.26 10.02 -17.53
C PRO B 64 12.13 11.25 -17.41
N ASP B 65 12.52 11.58 -16.17
CA ASP B 65 13.48 12.64 -15.92
C ASP B 65 14.85 12.01 -15.56
N GLY B 66 15.63 12.72 -14.74
CA GLY B 66 16.91 12.19 -14.27
C GLY B 66 16.75 11.09 -13.23
N ARG B 67 15.56 10.97 -12.67
CA ARG B 67 15.26 9.97 -11.64
C ARG B 67 14.05 9.13 -12.06
N ALA B 68 14.18 8.45 -13.19
CA ALA B 68 13.07 7.68 -13.74
C ALA B 68 12.74 6.45 -12.89
N GLN B 69 11.45 6.26 -12.63
CA GLN B 69 10.94 5.05 -12.00
C GLN B 69 9.51 4.81 -12.49
N MET B 70 9.13 3.54 -12.57
CA MET B 70 7.80 3.16 -13.04
C MET B 70 7.13 2.24 -12.04
N PRO B 71 6.29 2.81 -11.18
CA PRO B 71 5.53 2.02 -10.18
C PRO B 71 4.72 0.92 -10.84
N THR B 72 4.69 -0.25 -10.21
CA THR B 72 4.12 -1.44 -10.81
C THR B 72 3.05 -2.06 -9.93
N THR B 73 1.89 -2.32 -10.54
CA THR B 73 0.82 -3.04 -9.85
C THR B 73 1.09 -4.53 -9.99
N GLU B 74 1.01 -5.25 -8.87
CA GLU B 74 1.43 -6.65 -8.81
C GLU B 74 0.37 -7.59 -8.23
N ARG B 75 0.35 -8.82 -8.74
CA ARG B 75 -0.43 -9.93 -8.18
C ARG B 75 -1.87 -9.54 -7.79
N VAL B 76 -2.62 -9.09 -8.77
CA VAL B 76 -3.97 -8.57 -8.54
C VAL B 76 -5.02 -9.68 -8.62
N THR B 77 -5.77 -9.85 -7.53
CA THR B 77 -6.92 -10.75 -7.51
C THR B 77 -8.19 -10.07 -7.01
N LEU B 78 -8.25 -8.75 -7.20
CA LEU B 78 -9.48 -8.00 -6.96
C LEU B 78 -10.51 -8.43 -8.01
N THR B 79 -11.64 -8.92 -7.54
CA THR B 79 -12.71 -9.39 -8.43
C THR B 79 -13.72 -8.27 -8.69
N ARG B 80 -13.65 -7.24 -7.86
CA ARG B 80 -14.54 -6.09 -7.94
C ARG B 80 -13.73 -4.80 -7.92
N CYS B 81 -14.40 -3.68 -8.18
CA CYS B 81 -13.80 -2.36 -8.04
C CYS B 81 -13.77 -1.99 -6.56
N PHE B 82 -12.64 -1.49 -6.09
CA PHE B 82 -12.51 -1.04 -4.71
C PHE B 82 -12.57 0.49 -4.64
N TYR B 83 -13.75 1.01 -4.32
CA TYR B 83 -13.94 2.44 -4.08
C TYR B 83 -13.86 2.71 -2.59
N LEU B 84 -13.08 3.73 -2.22
CA LEU B 84 -12.87 4.12 -0.84
C LEU B 84 -14.08 4.84 -0.24
N PHE B 85 -14.86 5.49 -1.10
CA PHE B 85 -16.01 6.30 -0.68
C PHE B 85 -15.69 7.24 0.51
N PRO B 86 -14.67 8.09 0.36
CA PRO B 86 -14.23 8.96 1.46
C PRO B 86 -15.36 9.86 1.95
N GLY B 87 -15.52 9.94 3.27
CA GLY B 87 -16.64 10.65 3.87
C GLY B 87 -17.75 9.69 4.29
N HIS B 88 -17.64 8.43 3.83
CA HIS B 88 -18.61 7.40 4.16
C HIS B 88 -17.91 6.17 4.73
O40 BTH C . 18.48 4.47 -1.11
C25 BTH C . 17.83 4.83 -2.07
N4 BTH C . 16.65 4.25 -2.39
C33 BTH C . 16.17 3.10 -1.66
C34 BTH C . 16.61 1.78 -2.22
O39 BTH C . 16.30 0.75 -1.63
C31 BTH C . 17.43 1.71 -3.47
C35 BTH C . 14.64 3.12 -1.54
C15 BTH C . 14.18 4.05 -0.43
O37 BTH C . 15.02 4.48 0.40
O36 BTH C . 12.97 4.35 -0.37
C24 BTH C . 18.40 5.92 -2.94
C26 BTH C . 18.77 5.44 -4.32
S41 BTH C . 17.99 5.90 -5.78
C27 BTH C . 19.83 4.54 -4.53
C28 BTH C . 20.10 4.42 -5.93
C14 BTH C . 19.23 5.15 -6.64
C23 BTH C . 17.49 7.15 -2.97
C22 BTH C . 18.27 8.39 -2.54
C9 BTH C . 18.69 9.23 -3.75
C10 BTH C . 19.02 10.67 -3.38
N3 BTH C . 17.97 11.58 -3.79
C17 BTH C . 18.00 12.32 -4.90
O38 BTH C . 18.95 12.32 -5.67
C30 BTH C . 16.81 13.20 -5.20
C32 BTH C . 15.54 12.80 -4.79
C19 BTH C . 14.44 13.61 -5.07
C13 BTH C . 16.97 14.40 -5.89
C12 BTH C . 15.87 15.21 -6.16
C11 BTH C . 14.59 14.82 -5.75
N2 BTH C . 13.54 15.65 -6.04
C20 BTH C . 12.24 15.45 -5.71
N1 BTH C . 11.88 14.66 -4.69
C16 BTH C . 11.23 16.16 -6.40
N5 BTH C . 9.95 16.00 -6.06
C29 BTH C . 9.60 15.21 -5.04
C21 BTH C . 10.58 14.51 -4.35
C7 BTH C . 8.26 15.06 -4.67
C8 BTH C . 7.91 14.23 -3.62
C18 BTH C . 8.90 13.54 -2.92
C6 BTH C . 10.23 13.68 -3.28
#